data_1N0S
#
_entry.id   1N0S
#
_cell.length_a   42.797
_cell.length_b   85.039
_cell.length_c   66.059
_cell.angle_alpha   90.00
_cell.angle_beta   106.18
_cell.angle_gamma   90.00
#
_symmetry.space_group_name_H-M   'P 1 21 1'
#
loop_
_entity.id
_entity.type
_entity.pdbx_description
1 polymer 'Bilin-binding protein'
2 non-polymer '2-(6-HYDROXY-3-OXO-3H-XANTHEN-9-YL)-BENZOIC ACID'
3 non-polymer 'SULFATE ION'
4 water water
#
_entity_poly.entity_id   1
_entity_poly.type   'polypeptide(L)'
_entity_poly.pdbx_seq_one_letter_code
;DVYHDGACPEVKPVDNFDWSQYHGKWWEVAKYPSPNGKYGKCGWAEYTPEGKSVKVSRYDVIHGKEYFMEGTAYPVGDSK
IGKIYHSRTVGGYTRKTVFNVLSTDNKNYIIGYSCRYDEDKKGHWDHVWVLSRSMVLTGEAKTAVENYLIGSPVVDSQKL
VYSDFSEAACKVNNSNWSHPQFEK
;
_entity_poly.pdbx_strand_id   A,B
#
# COMPACT_ATOMS: atom_id res chain seq x y z
N ASP A 1 11.50 8.54 -2.88
CA ASP A 1 12.00 7.54 -1.90
C ASP A 1 13.21 6.80 -2.45
N VAL A 2 14.11 6.48 -1.52
CA VAL A 2 15.39 5.87 -1.80
C VAL A 2 15.62 4.59 -0.97
N TYR A 3 16.20 3.55 -1.57
CA TYR A 3 16.47 2.27 -0.91
C TYR A 3 17.79 2.21 -0.10
N HIS A 4 17.76 1.57 1.07
CA HIS A 4 19.00 1.44 1.82
C HIS A 4 18.90 0.07 2.49
N ASP A 5 20.02 -0.55 2.85
CA ASP A 5 19.90 -1.86 3.50
C ASP A 5 19.65 -1.62 4.97
N GLY A 6 19.04 -2.60 5.61
CA GLY A 6 18.85 -2.52 7.06
C GLY A 6 17.44 -2.03 7.39
N ALA A 7 17.19 -1.84 8.67
CA ALA A 7 15.91 -1.44 9.24
C ALA A 7 15.76 0.06 9.12
N CYS A 8 14.55 0.58 9.20
CA CYS A 8 14.37 2.03 9.24
C CYS A 8 15.11 2.62 10.44
N PRO A 9 15.62 3.84 10.30
CA PRO A 9 16.25 4.47 11.45
C PRO A 9 15.34 4.95 12.57
N GLU A 10 15.93 5.05 13.76
CA GLU A 10 15.18 5.61 14.88
C GLU A 10 15.15 7.13 14.63
N VAL A 11 14.04 7.79 14.95
CA VAL A 11 13.91 9.18 14.59
C VAL A 11 13.18 9.85 15.77
N LYS A 12 13.46 11.11 16.01
CA LYS A 12 12.79 11.80 17.12
C LYS A 12 11.95 12.92 16.47
N PRO A 13 10.62 12.84 16.44
CA PRO A 13 9.77 13.88 15.87
C PRO A 13 9.83 15.15 16.77
N VAL A 14 9.41 16.32 16.28
CA VAL A 14 9.48 17.52 17.10
C VAL A 14 8.38 17.32 18.12
N ASP A 15 8.43 18.06 19.22
CA ASP A 15 7.36 17.92 20.21
C ASP A 15 6.60 19.21 20.46
N ASN A 16 6.82 20.23 19.65
CA ASN A 16 6.00 21.40 19.88
C ASN A 16 5.47 21.78 18.50
N PHE A 17 4.95 20.82 17.73
CA PHE A 17 4.34 21.11 16.43
C PHE A 17 3.05 21.85 16.64
N ASP A 18 2.74 22.81 15.78
CA ASP A 18 1.49 23.56 15.97
C ASP A 18 0.55 23.19 14.83
N TRP A 19 -0.48 22.40 15.15
CA TRP A 19 -1.40 21.90 14.16
C TRP A 19 -2.18 23.06 13.52
N SER A 20 -2.29 24.21 14.18
CA SER A 20 -3.11 25.26 13.58
C SER A 20 -2.44 25.85 12.35
N GLN A 21 -1.12 25.74 12.30
CA GLN A 21 -0.29 26.31 11.28
C GLN A 21 -0.18 25.43 10.05
N TYR A 22 -0.85 24.29 10.10
CA TYR A 22 -0.92 23.33 9.01
C TYR A 22 -2.05 23.72 8.05
N HIS A 23 -1.89 24.84 7.36
CA HIS A 23 -2.91 25.38 6.45
C HIS A 23 -2.21 26.12 5.31
N GLY A 24 -2.96 26.37 4.24
CA GLY A 24 -2.61 27.09 3.05
C GLY A 24 -1.60 26.34 2.19
N LYS A 25 -0.84 27.09 1.40
CA LYS A 25 0.08 26.55 0.40
C LYS A 25 1.56 26.58 0.85
N TRP A 26 2.27 25.49 0.59
CA TRP A 26 3.65 25.40 0.97
C TRP A 26 4.41 24.88 -0.26
N TRP A 27 5.57 25.45 -0.54
CA TRP A 27 6.33 25.03 -1.73
C TRP A 27 7.29 23.93 -1.33
N GLU A 28 7.43 22.90 -2.15
CA GLU A 28 8.37 21.84 -1.90
C GLU A 28 9.70 22.27 -2.53
N VAL A 29 10.61 22.77 -1.70
CA VAL A 29 11.90 23.32 -2.15
C VAL A 29 13.02 22.26 -2.26
N ALA A 30 12.87 21.13 -1.60
CA ALA A 30 13.89 20.07 -1.63
C ALA A 30 13.24 18.75 -1.29
N LYS A 31 13.71 17.65 -1.87
CA LYS A 31 13.17 16.33 -1.57
C LYS A 31 14.14 15.24 -2.00
N TYR A 32 13.96 14.02 -1.54
CA TYR A 32 14.71 12.94 -2.19
C TYR A 32 14.16 12.61 -3.57
N PRO A 33 14.96 11.96 -4.40
CA PRO A 33 14.47 11.48 -5.69
C PRO A 33 13.59 10.26 -5.53
N SER A 34 12.96 9.87 -6.63
CA SER A 34 12.11 8.68 -6.61
C SER A 34 12.57 7.76 -7.74
N PRO A 35 12.23 6.47 -7.69
CA PRO A 35 12.57 5.53 -8.77
C PRO A 35 11.91 5.86 -10.15
N ASN A 36 12.50 5.35 -11.23
CA ASN A 36 11.96 5.45 -12.60
C ASN A 36 11.92 6.90 -13.10
N GLY A 37 12.82 7.69 -12.50
CA GLY A 37 13.00 9.07 -12.87
C GLY A 37 11.72 9.85 -12.73
N LYS A 38 10.83 9.38 -11.86
CA LYS A 38 9.57 10.10 -11.80
C LYS A 38 9.52 11.28 -10.80
N TYR A 39 10.27 12.36 -11.07
CA TYR A 39 10.24 13.60 -10.28
C TYR A 39 10.85 14.69 -11.19
N GLY A 40 10.71 16.01 -11.20
CA GLY A 40 10.04 17.08 -10.53
C GLY A 40 10.89 18.23 -10.01
N LYS A 41 10.91 19.42 -10.62
CA LYS A 41 11.40 20.59 -9.87
C LYS A 41 10.37 21.70 -9.78
N CYS A 42 9.10 21.33 -9.75
CA CYS A 42 8.11 22.39 -9.59
C CYS A 42 6.94 21.79 -8.85
N GLY A 43 6.87 21.90 -7.52
CA GLY A 43 5.82 21.19 -6.82
C GLY A 43 5.46 21.92 -5.53
N TRP A 44 4.28 21.66 -5.02
CA TRP A 44 3.84 22.40 -3.86
C TRP A 44 2.76 21.55 -3.18
N ALA A 45 2.40 21.92 -1.95
CA ALA A 45 1.31 21.24 -1.21
C ALA A 45 0.31 22.29 -0.73
N GLU A 46 -0.97 21.92 -0.71
CA GLU A 46 -1.98 22.80 -0.13
C GLU A 46 -2.77 22.09 0.97
N TYR A 47 -2.99 22.74 2.10
CA TYR A 47 -3.71 22.09 3.19
C TYR A 47 -5.10 22.68 3.51
N THR A 48 -6.13 21.87 3.66
CA THR A 48 -7.49 22.32 3.96
C THR A 48 -8.13 21.47 5.06
N PRO A 49 -8.79 22.04 6.07
CA PRO A 49 -9.55 21.28 7.07
C PRO A 49 -10.49 20.26 6.46
N GLU A 50 -10.60 19.04 7.01
CA GLU A 50 -11.60 18.09 6.55
C GLU A 50 -11.93 17.39 7.84
N GLY A 51 -12.82 17.96 8.66
CA GLY A 51 -13.17 17.45 9.99
C GLY A 51 -12.02 17.68 10.92
N LYS A 52 -11.69 16.64 11.68
CA LYS A 52 -10.53 16.65 12.54
C LYS A 52 -9.20 16.53 11.77
N SER A 53 -9.27 16.07 10.52
CA SER A 53 -8.06 15.87 9.73
C SER A 53 -7.69 17.09 8.89
N VAL A 54 -6.59 17.02 8.14
CA VAL A 54 -6.28 17.99 7.13
C VAL A 54 -6.14 17.17 5.87
N LYS A 55 -6.75 17.70 4.82
CA LYS A 55 -6.61 17.22 3.45
C LYS A 55 -5.31 17.78 2.87
N VAL A 56 -4.45 16.90 2.34
CA VAL A 56 -3.12 17.26 1.89
C VAL A 56 -3.28 17.06 0.40
N SER A 57 -3.25 18.17 -0.35
CA SER A 57 -3.32 18.12 -1.83
C SER A 57 -1.95 18.47 -2.41
N ARG A 58 -1.32 17.54 -3.11
CA ARG A 58 0.01 17.83 -3.58
C ARG A 58 0.02 17.91 -5.10
N TYR A 59 0.68 18.92 -5.65
CA TYR A 59 0.70 19.11 -7.09
C TYR A 59 2.15 19.00 -7.55
N ASP A 60 2.41 18.41 -8.72
CA ASP A 60 3.75 18.39 -9.28
C ASP A 60 3.78 18.52 -10.80
N VAL A 61 4.75 19.23 -11.37
CA VAL A 61 4.88 19.20 -12.82
C VAL A 61 6.09 18.37 -13.10
N ILE A 62 5.91 17.26 -13.81
CA ILE A 62 7.02 16.36 -14.02
C ILE A 62 7.05 16.08 -15.53
N HIS A 63 8.15 16.47 -16.15
CA HIS A 63 8.33 16.29 -17.59
C HIS A 63 7.18 16.89 -18.39
N GLY A 64 6.79 18.11 -18.04
CA GLY A 64 5.73 18.79 -18.75
C GLY A 64 4.29 18.41 -18.42
N LYS A 65 4.06 17.37 -17.62
CA LYS A 65 2.70 17.01 -17.21
C LYS A 65 2.35 17.23 -15.71
N GLU A 66 1.12 17.64 -15.39
CA GLU A 66 0.62 17.80 -14.02
C GLU A 66 0.27 16.48 -13.33
N TYR A 67 0.75 16.27 -12.11
CA TYR A 67 0.36 15.11 -11.33
C TYR A 67 -0.29 15.63 -10.04
N PHE A 68 -1.31 14.96 -9.51
CA PHE A 68 -2.09 15.40 -8.36
C PHE A 68 -2.12 14.19 -7.43
N MET A 69 -1.86 14.37 -6.14
CA MET A 69 -2.01 13.27 -5.16
C MET A 69 -2.69 13.90 -3.96
N GLU A 70 -3.77 13.30 -3.49
CA GLU A 70 -4.52 13.81 -2.36
C GLU A 70 -4.47 12.79 -1.25
N GLY A 71 -4.56 13.21 0.01
CA GLY A 71 -4.65 12.22 1.06
C GLY A 71 -5.09 12.98 2.30
N THR A 72 -5.26 12.32 3.44
CA THR A 72 -5.77 12.98 4.66
C THR A 72 -4.69 12.82 5.69
N ALA A 73 -4.39 13.77 6.57
CA ALA A 73 -3.37 13.58 7.62
C ALA A 73 -4.01 13.85 8.97
N TYR A 74 -3.62 13.09 9.98
CA TYR A 74 -4.11 13.31 11.35
C TYR A 74 -3.09 12.74 12.32
N PRO A 75 -2.97 13.31 13.52
CA PRO A 75 -1.88 12.94 14.43
C PRO A 75 -2.05 11.50 14.89
N VAL A 76 -0.96 10.82 15.21
CA VAL A 76 -1.06 9.45 15.68
C VAL A 76 -1.62 9.55 17.11
N GLY A 77 -1.20 10.58 17.83
CA GLY A 77 -1.55 10.80 19.23
C GLY A 77 -1.72 12.26 19.52
N ASP A 78 -0.95 12.83 20.43
CA ASP A 78 -1.03 14.27 20.69
C ASP A 78 -0.58 15.08 19.48
N SER A 79 -1.37 16.09 19.11
CA SER A 79 -1.13 16.95 17.94
C SER A 79 0.19 17.71 18.03
N LYS A 80 0.71 17.92 19.22
CA LYS A 80 2.01 18.55 19.38
C LYS A 80 3.21 17.67 19.02
N ILE A 81 3.03 16.34 18.97
CA ILE A 81 4.16 15.47 18.67
C ILE A 81 4.07 15.30 17.15
N GLY A 82 5.14 15.56 16.40
CA GLY A 82 4.96 15.51 14.96
C GLY A 82 5.08 14.10 14.42
N LYS A 83 4.30 13.16 14.94
CA LYS A 83 4.27 11.80 14.41
C LYS A 83 2.84 11.75 13.88
N ILE A 84 2.67 11.63 12.56
CA ILE A 84 1.34 11.82 11.96
C ILE A 84 1.00 10.75 10.93
N TYR A 85 -0.27 10.41 10.75
CA TYR A 85 -0.61 9.47 9.72
C TYR A 85 -1.03 10.17 8.44
N HIS A 86 -0.57 9.66 7.30
CA HIS A 86 -1.16 10.12 6.04
C HIS A 86 -2.00 8.93 5.57
N SER A 87 -3.20 9.17 5.07
CA SER A 87 -4.07 8.10 4.57
C SER A 87 -4.53 8.41 3.15
N ARG A 88 -4.40 7.45 2.23
CA ARG A 88 -4.97 7.66 0.90
C ARG A 88 -5.75 6.41 0.43
N THR A 89 -6.99 6.63 -0.01
CA THR A 89 -7.82 5.53 -0.48
C THR A 89 -8.13 5.66 -1.95
N VAL A 90 -7.87 4.61 -2.73
CA VAL A 90 -8.23 4.67 -4.14
C VAL A 90 -9.05 3.41 -4.41
N GLY A 91 -10.35 3.50 -4.68
CA GLY A 91 -11.14 2.30 -4.96
C GLY A 91 -11.23 1.52 -3.64
N GLY A 92 -10.99 0.22 -3.69
CA GLY A 92 -11.00 -0.54 -2.44
C GLY A 92 -9.68 -0.68 -1.71
N TYR A 93 -8.70 0.17 -2.01
CA TYR A 93 -7.35 0.05 -1.47
C TYR A 93 -6.89 1.30 -0.72
N THR A 94 -6.60 1.08 0.56
CA THR A 94 -6.21 2.24 1.38
C THR A 94 -4.79 2.01 1.79
N ARG A 95 -3.96 3.06 1.66
CA ARG A 95 -2.65 3.00 2.27
C ARG A 95 -2.53 4.02 3.38
N LYS A 96 -2.03 3.62 4.56
CA LYS A 96 -1.89 4.48 5.71
C LYS A 96 -0.42 4.42 6.15
N THR A 97 0.22 5.58 6.22
CA THR A 97 1.69 5.67 6.34
C THR A 97 2.03 6.61 7.47
N VAL A 98 2.80 6.19 8.46
CA VAL A 98 3.22 7.15 9.49
C VAL A 98 4.35 8.01 8.93
N PHE A 99 4.26 9.31 9.12
CA PHE A 99 5.42 10.13 8.77
C PHE A 99 5.77 11.00 9.99
N ASN A 100 6.95 11.60 9.98
CA ASN A 100 7.45 12.40 11.11
C ASN A 100 7.87 13.78 10.68
N VAL A 101 7.56 14.80 11.47
CA VAL A 101 8.07 16.14 11.23
C VAL A 101 9.36 16.19 12.03
N LEU A 102 10.47 16.33 11.32
CA LEU A 102 11.72 16.26 12.01
C LEU A 102 12.18 17.64 12.51
N SER A 103 11.78 18.69 11.80
CA SER A 103 12.18 20.04 12.20
C SER A 103 11.15 21.01 11.63
N THR A 104 10.76 22.00 12.45
CA THR A 104 9.89 23.07 11.99
C THR A 104 10.01 24.31 12.92
N ASP A 105 9.58 25.50 12.52
CA ASP A 105 9.60 26.71 13.36
C ASP A 105 8.14 27.15 13.38
N ASN A 106 7.31 26.23 12.88
CA ASN A 106 5.87 26.40 12.79
C ASN A 106 5.44 27.61 11.97
N LYS A 107 6.30 28.11 11.08
CA LYS A 107 5.76 29.19 10.27
C LYS A 107 6.38 29.44 8.92
N ASN A 108 7.66 29.13 8.77
CA ASN A 108 8.36 29.29 7.49
C ASN A 108 8.78 27.97 6.85
N TYR A 109 9.05 26.95 7.66
CA TYR A 109 9.44 25.67 7.06
C TYR A 109 9.05 24.39 7.83
N ILE A 110 8.92 23.29 7.10
CA ILE A 110 8.69 21.99 7.72
C ILE A 110 9.63 21.03 7.05
N ILE A 111 10.36 20.21 7.81
CA ILE A 111 11.11 19.13 7.19
C ILE A 111 10.44 17.81 7.59
N GLY A 112 9.96 17.02 6.62
CA GLY A 112 9.29 15.77 6.90
C GLY A 112 10.03 14.52 6.49
N TYR A 113 9.67 13.39 7.05
CA TYR A 113 10.40 12.16 6.76
C TYR A 113 9.52 10.94 6.90
N SER A 114 9.62 9.99 5.97
CA SER A 114 8.88 8.77 6.15
C SER A 114 9.77 7.59 5.78
N CYS A 115 9.50 6.43 6.38
CA CYS A 115 10.30 5.26 6.07
C CYS A 115 9.37 4.05 6.02
N ARG A 116 9.64 3.17 5.07
CA ARG A 116 8.89 1.93 4.89
C ARG A 116 9.82 0.75 4.69
N TYR A 117 9.47 -0.40 5.26
CA TYR A 117 10.27 -1.60 5.03
C TYR A 117 10.04 -2.21 3.66
N ASP A 118 11.14 -2.63 3.04
CA ASP A 118 11.10 -3.44 1.82
C ASP A 118 10.68 -4.84 2.25
N GLU A 119 9.52 -5.31 1.80
CA GLU A 119 9.07 -6.61 2.29
C GLU A 119 9.86 -7.78 1.74
N ASP A 120 10.61 -7.46 0.69
CA ASP A 120 11.48 -8.39 0.00
C ASP A 120 12.83 -8.50 0.70
N LYS A 121 13.70 -7.54 0.47
CA LYS A 121 15.04 -7.61 1.03
C LYS A 121 15.10 -7.16 2.50
N LYS A 122 16.24 -7.33 3.15
CA LYS A 122 16.32 -6.73 4.47
C LYS A 122 16.75 -5.29 4.25
N GLY A 123 15.80 -4.44 3.90
CA GLY A 123 16.07 -3.04 3.61
C GLY A 123 14.86 -2.14 3.79
N HIS A 124 15.03 -0.86 3.49
CA HIS A 124 13.89 0.06 3.59
C HIS A 124 13.92 1.21 2.58
N TRP A 125 12.75 1.82 2.39
CA TRP A 125 12.58 2.98 1.49
C TRP A 125 12.26 4.20 2.35
N ASP A 126 13.10 5.20 2.19
CA ASP A 126 13.10 6.47 2.86
C ASP A 126 12.68 7.64 2.02
N HIS A 127 12.07 8.67 2.59
CA HIS A 127 11.82 9.90 1.85
C HIS A 127 11.92 11.14 2.72
N VAL A 128 12.56 12.22 2.24
CA VAL A 128 12.68 13.41 3.03
C VAL A 128 12.09 14.51 2.18
N TRP A 129 11.37 15.46 2.77
CA TRP A 129 10.89 16.60 2.01
C TRP A 129 11.00 17.85 2.86
N VAL A 130 11.19 18.97 2.17
CA VAL A 130 11.40 20.26 2.79
C VAL A 130 10.32 21.19 2.23
N LEU A 131 9.41 21.71 3.04
CA LEU A 131 8.37 22.60 2.55
C LEU A 131 8.67 23.98 3.08
N SER A 132 8.24 24.99 2.34
CA SER A 132 8.58 26.32 2.77
C SER A 132 7.44 27.25 2.37
N ARG A 133 7.11 28.24 3.19
CA ARG A 133 6.05 29.16 2.80
C ARG A 133 6.57 30.10 1.72
N SER A 134 7.86 30.24 1.55
CA SER A 134 8.31 31.06 0.40
C SER A 134 8.99 30.16 -0.62
N MET A 135 8.96 30.58 -1.88
CA MET A 135 9.57 29.81 -2.95
C MET A 135 11.06 29.69 -2.72
N VAL A 136 11.66 30.69 -2.07
CA VAL A 136 13.08 30.64 -1.82
C VAL A 136 13.23 30.84 -0.33
N LEU A 137 14.06 29.99 0.28
CA LEU A 137 14.39 30.13 1.69
C LEU A 137 15.48 31.18 1.84
N THR A 138 15.34 32.01 2.86
CA THR A 138 16.38 32.96 3.21
C THR A 138 16.36 33.23 4.71
N GLY A 139 17.41 33.90 5.18
CA GLY A 139 17.41 34.30 6.57
C GLY A 139 17.56 33.17 7.56
N GLU A 140 16.89 33.32 8.69
CA GLU A 140 16.92 32.37 9.80
C GLU A 140 16.52 30.96 9.40
N ALA A 141 15.50 30.92 8.55
CA ALA A 141 14.85 29.70 8.12
C ALA A 141 15.85 28.93 7.28
N LYS A 142 16.53 29.62 6.37
CA LYS A 142 17.46 28.91 5.52
C LYS A 142 18.58 28.39 6.41
N THR A 143 18.95 29.14 7.43
CA THR A 143 20.02 28.72 8.32
C THR A 143 19.57 27.52 9.12
N ALA A 144 18.37 27.61 9.70
CA ALA A 144 17.85 26.49 10.49
C ALA A 144 17.76 25.22 9.63
N VAL A 145 17.29 25.34 8.38
CA VAL A 145 17.20 24.20 7.45
C VAL A 145 18.55 23.59 7.06
N GLU A 146 19.51 24.41 6.62
CA GLU A 146 20.83 23.89 6.32
C GLU A 146 21.49 23.29 7.56
N ASN A 147 21.33 23.88 8.75
CA ASN A 147 21.98 23.32 9.94
C ASN A 147 21.44 21.91 10.21
N TYR A 148 20.10 21.85 10.32
CA TYR A 148 19.43 20.56 10.48
C TYR A 148 19.89 19.53 9.46
N LEU A 149 19.93 19.82 8.16
CA LEU A 149 20.20 18.77 7.17
C LEU A 149 21.62 18.23 7.20
N ILE A 150 22.46 19.06 7.81
CA ILE A 150 23.88 18.87 7.90
C ILE A 150 24.13 18.09 9.18
N GLY A 151 23.51 18.50 10.28
CA GLY A 151 23.68 17.79 11.55
C GLY A 151 22.99 16.43 11.58
N SER A 152 21.93 16.25 10.79
CA SER A 152 21.10 15.06 10.97
C SER A 152 21.66 13.75 10.51
N PRO A 153 21.76 12.71 11.36
CA PRO A 153 22.28 11.43 10.92
C PRO A 153 21.29 10.67 10.02
N VAL A 154 20.03 11.07 10.08
CA VAL A 154 19.03 10.40 9.25
C VAL A 154 19.06 10.79 7.77
N VAL A 155 19.26 12.07 7.48
CA VAL A 155 19.23 12.62 6.13
C VAL A 155 20.54 12.51 5.38
N ASP A 156 20.48 12.01 4.16
CA ASP A 156 21.66 12.01 3.30
C ASP A 156 21.50 13.27 2.44
N SER A 157 22.14 14.36 2.86
CA SER A 157 21.92 15.64 2.19
C SER A 157 22.46 15.75 0.74
N GLN A 158 23.23 14.78 0.30
CA GLN A 158 23.74 14.72 -1.06
C GLN A 158 22.71 14.11 -2.01
N LYS A 159 21.71 13.41 -1.47
CA LYS A 159 20.71 12.82 -2.36
C LYS A 159 19.56 13.81 -2.62
N LEU A 160 19.65 15.02 -2.05
CA LEU A 160 18.51 15.91 -2.18
C LEU A 160 18.43 16.57 -3.55
N VAL A 161 17.23 16.69 -4.09
CA VAL A 161 17.01 17.34 -5.37
C VAL A 161 16.39 18.66 -4.97
N TYR A 162 16.91 19.80 -5.41
CA TYR A 162 16.40 21.14 -5.12
C TYR A 162 15.56 21.71 -6.24
N SER A 163 14.46 22.39 -5.90
CA SER A 163 13.56 22.91 -6.90
C SER A 163 13.86 24.38 -7.20
N ASP A 164 13.75 24.78 -8.47
CA ASP A 164 14.00 26.18 -8.78
C ASP A 164 12.68 26.90 -9.13
N PHE A 165 11.60 26.16 -9.36
CA PHE A 165 10.36 26.78 -9.83
C PHE A 165 10.61 27.60 -11.09
N SER A 166 11.56 27.16 -11.91
CA SER A 166 11.79 27.98 -13.10
C SER A 166 10.70 27.87 -14.15
N GLU A 167 10.80 28.78 -15.12
CA GLU A 167 9.80 28.75 -16.16
C GLU A 167 9.84 27.42 -16.87
N ALA A 168 11.04 26.90 -17.10
CA ALA A 168 11.16 25.67 -17.83
C ALA A 168 10.64 24.49 -17.03
N ALA A 169 11.00 24.36 -15.75
CA ALA A 169 10.53 23.25 -14.90
C ALA A 169 9.03 23.28 -14.68
N CYS A 170 8.44 24.47 -14.59
CA CYS A 170 7.01 24.53 -14.27
C CYS A 170 6.01 24.55 -15.45
N LYS A 171 6.54 24.49 -16.66
CA LYS A 171 5.72 24.65 -17.86
C LYS A 171 4.95 23.38 -18.17
N VAL A 172 3.62 23.44 -18.35
CA VAL A 172 2.91 22.22 -18.76
C VAL A 172 2.57 22.18 -20.28
N ASN A 173 2.75 21.00 -20.86
CA ASN A 173 2.63 20.77 -22.31
C ASN A 173 3.11 19.40 -22.73
N ASP B 1 -1.07 -11.44 -9.22
CA ASP B 1 -1.98 -10.46 -9.88
C ASP B 1 -1.58 -10.22 -11.33
N VAL B 2 -2.56 -9.83 -12.14
CA VAL B 2 -2.40 -9.66 -13.57
C VAL B 2 -2.88 -8.25 -13.88
N TYR B 3 -2.26 -7.65 -14.89
CA TYR B 3 -2.65 -6.29 -15.28
C TYR B 3 -3.71 -6.24 -16.40
N HIS B 4 -4.67 -5.33 -16.33
CA HIS B 4 -5.65 -5.22 -17.40
C HIS B 4 -5.96 -3.75 -17.66
N ASP B 5 -6.46 -3.35 -18.85
CA ASP B 5 -6.64 -1.91 -19.07
C ASP B 5 -8.03 -1.64 -18.59
N GLY B 6 -8.34 -0.41 -18.20
CA GLY B 6 -9.70 -0.12 -17.79
C GLY B 6 -9.85 -0.13 -16.28
N ALA B 7 -11.11 0.09 -15.86
CA ALA B 7 -11.49 0.12 -14.47
C ALA B 7 -11.68 -1.29 -13.94
N CYS B 8 -11.61 -1.41 -12.63
CA CYS B 8 -12.02 -2.67 -12.00
C CYS B 8 -13.46 -3.05 -12.45
N PRO B 9 -13.74 -4.34 -12.63
CA PRO B 9 -15.07 -4.81 -12.97
C PRO B 9 -16.05 -4.77 -11.80
N GLU B 10 -17.35 -4.74 -12.09
CA GLU B 10 -18.39 -4.78 -11.05
C GLU B 10 -18.38 -6.26 -10.69
N VAL B 11 -18.67 -6.60 -9.44
CA VAL B 11 -18.48 -7.96 -9.00
C VAL B 11 -19.67 -8.09 -8.03
N LYS B 12 -20.25 -9.25 -7.83
CA LYS B 12 -21.35 -9.38 -6.87
C LYS B 12 -20.83 -10.41 -5.84
N PRO B 13 -20.54 -10.05 -4.60
CA PRO B 13 -20.10 -11.07 -3.64
C PRO B 13 -21.26 -12.04 -3.24
N VAL B 14 -21.00 -13.21 -2.65
CA VAL B 14 -22.06 -14.10 -2.21
C VAL B 14 -22.75 -13.38 -1.07
N ASP B 15 -24.03 -13.69 -0.85
CA ASP B 15 -24.77 -13.08 0.27
C ASP B 15 -25.11 -14.09 1.36
N ASN B 16 -24.60 -15.31 1.25
CA ASN B 16 -24.81 -16.27 2.32
C ASN B 16 -23.52 -16.87 2.87
N PHE B 17 -22.53 -16.03 3.17
CA PHE B 17 -21.22 -16.47 3.63
C PHE B 17 -21.41 -16.78 5.10
N ASP B 18 -20.78 -17.89 5.46
CA ASP B 18 -20.87 -18.28 6.85
C ASP B 18 -19.54 -18.00 7.52
N TRP B 19 -19.38 -16.88 8.20
CA TRP B 19 -18.14 -16.56 8.90
C TRP B 19 -17.63 -17.67 9.85
N SER B 20 -18.50 -18.42 10.55
CA SER B 20 -17.90 -19.37 11.49
C SER B 20 -17.17 -20.53 10.80
N GLN B 21 -17.33 -20.64 9.49
CA GLN B 21 -16.60 -21.66 8.73
C GLN B 21 -15.26 -21.14 8.22
N TYR B 22 -15.00 -19.86 8.48
CA TYR B 22 -13.73 -19.22 8.11
C TYR B 22 -12.64 -19.49 9.16
N HIS B 23 -12.10 -20.71 9.18
CA HIS B 23 -11.13 -21.21 10.17
C HIS B 23 -10.43 -22.46 9.64
N GLY B 24 -9.29 -22.74 10.24
CA GLY B 24 -8.53 -23.94 9.90
C GLY B 24 -7.66 -23.70 8.68
N LYS B 25 -7.23 -24.82 8.08
CA LYS B 25 -6.23 -24.77 7.03
C LYS B 25 -6.90 -24.99 5.65
N TRP B 26 -6.57 -24.18 4.64
CA TRP B 26 -7.15 -24.36 3.34
C TRP B 26 -5.98 -24.38 2.32
N TRP B 27 -5.97 -25.32 1.39
CA TRP B 27 -4.96 -25.35 0.29
C TRP B 27 -5.30 -24.39 -0.83
N GLU B 28 -4.29 -23.71 -1.40
CA GLU B 28 -4.58 -22.90 -2.55
C GLU B 28 -4.39 -23.76 -3.77
N VAL B 29 -5.51 -24.12 -4.41
CA VAL B 29 -5.40 -25.05 -5.53
C VAL B 29 -5.25 -24.36 -6.88
N ALA B 30 -5.62 -23.08 -6.98
CA ALA B 30 -5.51 -22.40 -8.26
C ALA B 30 -5.51 -20.93 -7.99
N LYS B 31 -4.87 -20.16 -8.86
CA LYS B 31 -4.77 -18.70 -8.66
C LYS B 31 -4.19 -18.11 -9.92
N TYR B 32 -4.29 -16.79 -10.09
CA TYR B 32 -3.51 -16.07 -11.12
C TYR B 32 -2.02 -16.04 -10.83
N PRO B 33 -1.13 -16.02 -11.85
CA PRO B 33 0.30 -15.82 -11.66
C PRO B 33 0.57 -14.42 -11.17
N SER B 34 1.83 -14.18 -10.85
CA SER B 34 2.32 -12.86 -10.44
C SER B 34 3.51 -12.59 -11.34
N PRO B 35 3.86 -11.32 -11.50
CA PRO B 35 4.93 -11.01 -12.47
C PRO B 35 6.33 -11.53 -12.10
N ASN B 36 7.14 -11.75 -13.14
CA ASN B 36 8.54 -12.12 -12.92
C ASN B 36 8.74 -13.50 -12.32
N GLY B 37 7.78 -14.40 -12.52
CA GLY B 37 7.97 -15.77 -12.06
C GLY B 37 7.82 -15.89 -10.57
N LYS B 38 7.43 -14.84 -9.85
CA LYS B 38 7.41 -15.00 -8.39
C LYS B 38 6.16 -15.68 -7.82
N TYR B 39 5.99 -16.95 -8.16
CA TYR B 39 4.91 -17.83 -7.70
C TYR B 39 5.41 -19.24 -8.03
N GLY B 40 5.10 -20.43 -7.54
CA GLY B 40 4.30 -20.99 -6.50
C GLY B 40 3.39 -22.11 -7.01
N LYS B 41 3.67 -23.39 -6.75
CA LYS B 41 2.62 -24.41 -6.88
C LYS B 41 2.47 -25.18 -5.56
N CYS B 42 2.75 -24.51 -4.45
CA CYS B 42 2.63 -25.18 -3.16
C CYS B 42 2.29 -24.20 -2.04
N GLY B 43 1.04 -23.80 -1.89
CA GLY B 43 0.75 -22.76 -0.90
C GLY B 43 -0.53 -23.10 -0.19
N TRP B 44 -0.76 -22.42 0.94
CA TRP B 44 -1.93 -22.73 1.73
C TRP B 44 -2.15 -21.51 2.62
N ALA B 45 -3.36 -21.46 3.20
CA ALA B 45 -3.75 -20.39 4.13
C ALA B 45 -4.27 -21.05 5.42
N GLU B 46 -3.93 -20.45 6.56
CA GLU B 46 -4.48 -20.92 7.81
C GLU B 46 -5.15 -19.74 8.49
N TYR B 47 -6.35 -20.00 9.01
CA TYR B 47 -7.13 -18.93 9.64
C TYR B 47 -7.28 -19.11 11.15
N THR B 48 -7.09 -18.07 11.95
CA THR B 48 -7.21 -18.18 13.41
C THR B 48 -8.11 -17.01 13.88
N PRO B 49 -9.17 -17.29 14.64
CA PRO B 49 -9.99 -16.21 15.21
C PRO B 49 -9.16 -15.23 16.01
N GLU B 50 -9.41 -13.93 15.93
CA GLU B 50 -8.69 -12.96 16.76
C GLU B 50 -9.76 -11.94 17.09
N GLY B 51 -10.55 -12.25 18.11
CA GLY B 51 -11.72 -11.47 18.44
C GLY B 51 -12.79 -11.65 17.38
N LYS B 52 -13.35 -10.51 16.96
CA LYS B 52 -14.24 -10.46 15.82
C LYS B 52 -13.55 -10.68 14.46
N SER B 53 -12.24 -10.52 14.40
CA SER B 53 -11.56 -10.78 13.13
C SER B 53 -11.04 -12.19 12.97
N VAL B 54 -10.46 -12.44 11.80
CA VAL B 54 -9.70 -13.67 11.59
C VAL B 54 -8.31 -13.29 11.14
N LYS B 55 -7.32 -13.95 11.73
CA LYS B 55 -5.94 -13.79 11.31
C LYS B 55 -5.72 -14.70 10.09
N VAL B 56 -5.13 -14.16 9.01
CA VAL B 56 -4.97 -14.94 7.78
C VAL B 56 -3.49 -15.19 7.64
N SER B 57 -3.00 -16.42 7.79
CA SER B 57 -1.58 -16.66 7.64
C SER B 57 -1.43 -17.46 6.37
N ARG B 58 -0.69 -16.89 5.41
CA ARG B 58 -0.56 -17.59 4.13
C ARG B 58 0.88 -18.05 3.90
N TYR B 59 1.03 -19.25 3.35
CA TYR B 59 2.39 -19.77 3.21
C TYR B 59 2.56 -20.24 1.77
N ASP B 60 3.71 -20.00 1.13
CA ASP B 60 4.04 -20.50 -0.20
C ASP B 60 5.51 -20.90 -0.31
N VAL B 61 5.77 -21.96 -1.06
CA VAL B 61 7.17 -22.35 -1.37
C VAL B 61 7.33 -21.92 -2.82
N ILE B 62 8.29 -21.05 -3.11
CA ILE B 62 8.67 -20.61 -4.45
C ILE B 62 10.16 -20.89 -4.75
N HIS B 63 10.45 -21.77 -5.71
CA HIS B 63 11.82 -22.21 -6.02
C HIS B 63 12.74 -22.44 -4.82
N GLY B 64 12.31 -23.31 -3.91
CA GLY B 64 13.10 -23.66 -2.74
C GLY B 64 13.01 -22.78 -1.49
N LYS B 65 12.48 -21.56 -1.64
CA LYS B 65 12.37 -20.59 -0.56
C LYS B 65 10.93 -20.52 0.01
N GLU B 66 10.75 -20.39 1.33
CA GLU B 66 9.45 -20.27 1.97
C GLU B 66 9.07 -18.80 2.10
N TYR B 67 7.83 -18.40 1.78
CA TYR B 67 7.35 -17.04 1.99
C TYR B 67 6.16 -17.17 2.93
N PHE B 68 6.03 -16.17 3.79
CA PHE B 68 4.99 -16.11 4.80
C PHE B 68 4.40 -14.70 4.65
N MET B 69 3.07 -14.61 4.69
CA MET B 69 2.36 -13.34 4.56
C MET B 69 1.21 -13.38 5.57
N GLU B 70 1.11 -12.48 6.52
CA GLU B 70 -0.05 -12.52 7.40
C GLU B 70 -0.82 -11.20 7.41
N GLY B 71 -2.09 -11.20 7.82
CA GLY B 71 -2.83 -9.96 7.97
C GLY B 71 -4.13 -10.32 8.67
N THR B 72 -5.08 -9.39 8.79
CA THR B 72 -6.33 -9.63 9.50
C THR B 72 -7.47 -9.43 8.53
N ALA B 73 -8.52 -10.22 8.59
CA ALA B 73 -9.66 -9.97 7.72
C ALA B 73 -10.88 -9.71 8.59
N TYR B 74 -11.74 -8.79 8.15
CA TYR B 74 -13.01 -8.61 8.88
C TYR B 74 -14.06 -8.07 7.90
N PRO B 75 -15.35 -8.38 8.07
CA PRO B 75 -16.31 -7.98 7.05
C PRO B 75 -16.34 -6.46 6.89
N VAL B 76 -16.62 -5.98 5.68
CA VAL B 76 -16.86 -4.57 5.46
C VAL B 76 -18.18 -4.22 6.14
N GLY B 77 -19.19 -5.08 6.07
CA GLY B 77 -20.40 -4.79 6.83
C GLY B 77 -20.99 -6.05 7.43
N ASP B 78 -22.09 -6.57 6.92
CA ASP B 78 -22.62 -7.78 7.54
C ASP B 78 -21.84 -9.00 7.04
N SER B 79 -21.46 -9.83 8.01
CA SER B 79 -20.57 -10.98 7.74
C SER B 79 -21.12 -11.99 6.77
N LYS B 80 -22.41 -11.90 6.44
CA LYS B 80 -22.98 -12.81 5.48
C LYS B 80 -22.67 -12.35 4.07
N ILE B 81 -22.27 -11.09 3.89
CA ILE B 81 -22.02 -10.58 2.55
C ILE B 81 -20.51 -10.74 2.42
N GLY B 82 -20.03 -11.38 1.36
CA GLY B 82 -18.62 -11.75 1.31
C GLY B 82 -17.82 -10.63 0.70
N LYS B 83 -17.94 -9.46 1.30
CA LYS B 83 -17.15 -8.33 0.85
C LYS B 83 -16.43 -8.06 2.14
N ILE B 84 -15.11 -8.23 2.11
CA ILE B 84 -14.30 -8.27 3.34
C ILE B 84 -13.04 -7.39 3.26
N TYR B 85 -12.60 -6.81 4.38
CA TYR B 85 -11.30 -6.18 4.43
C TYR B 85 -10.15 -7.11 4.80
N HIS B 86 -9.04 -7.03 4.06
CA HIS B 86 -7.82 -7.68 4.52
C HIS B 86 -6.96 -6.50 4.99
N SER B 87 -6.31 -6.56 6.13
CA SER B 87 -5.38 -5.51 6.49
C SER B 87 -4.03 -6.01 6.99
N ARG B 88 -2.93 -5.39 6.57
CA ARG B 88 -1.61 -5.90 6.92
C ARG B 88 -0.75 -4.69 7.28
N THR B 89 -0.13 -4.68 8.46
CA THR B 89 0.73 -3.59 8.92
C THR B 89 2.16 -4.11 9.07
N VAL B 90 3.17 -3.45 8.50
CA VAL B 90 4.60 -3.70 8.63
C VAL B 90 5.17 -2.33 9.05
N GLY B 91 5.78 -2.19 10.24
CA GLY B 91 6.26 -0.91 10.75
C GLY B 91 5.23 0.20 10.75
N GLY B 92 5.52 1.38 10.20
CA GLY B 92 4.43 2.37 10.20
C GLY B 92 3.55 2.42 8.92
N TYR B 93 3.46 1.32 8.18
CA TYR B 93 2.80 1.27 6.87
C TYR B 93 1.68 0.22 6.89
N THR B 94 0.41 0.62 6.79
CA THR B 94 -0.69 -0.31 6.70
C THR B 94 -1.29 -0.31 5.29
N ARG B 95 -1.60 -1.49 4.78
CA ARG B 95 -2.38 -1.60 3.55
C ARG B 95 -3.69 -2.34 3.85
N LYS B 96 -4.82 -1.76 3.48
CA LYS B 96 -6.13 -2.32 3.71
C LYS B 96 -6.77 -2.45 2.33
N THR B 97 -7.16 -3.67 2.01
CA THR B 97 -7.69 -4.00 0.69
C THR B 97 -9.04 -4.68 0.82
N VAL B 98 -10.02 -4.25 0.05
CA VAL B 98 -11.33 -4.91 -0.01
C VAL B 98 -11.11 -6.13 -0.88
N PHE B 99 -11.58 -7.29 -0.44
CA PHE B 99 -11.67 -8.40 -1.36
C PHE B 99 -13.09 -8.98 -1.33
N ASN B 100 -13.40 -9.80 -2.32
CA ASN B 100 -14.73 -10.34 -2.50
C ASN B 100 -14.70 -11.84 -2.51
N VAL B 101 -15.62 -12.49 -1.81
CA VAL B 101 -15.81 -13.95 -1.97
C VAL B 101 -16.83 -14.11 -3.11
N LEU B 102 -16.42 -14.63 -4.28
CA LEU B 102 -17.29 -14.67 -5.47
C LEU B 102 -18.17 -15.92 -5.41
N SER B 103 -17.65 -16.96 -4.78
CA SER B 103 -18.40 -18.22 -4.69
C SER B 103 -17.85 -19.12 -3.60
N THR B 104 -18.73 -19.81 -2.88
CA THR B 104 -18.32 -20.76 -1.86
C THR B 104 -19.51 -21.72 -1.55
N ASP B 105 -19.25 -22.86 -0.92
CA ASP B 105 -20.33 -23.74 -0.45
C ASP B 105 -20.22 -23.83 1.07
N ASN B 106 -19.42 -22.93 1.62
CA ASN B 106 -19.17 -22.80 3.05
C ASN B 106 -18.62 -24.04 3.72
N LYS B 107 -17.97 -24.91 2.95
CA LYS B 107 -17.35 -26.08 3.54
C LYS B 107 -16.20 -26.73 2.80
N ASN B 108 -16.25 -26.76 1.47
CA ASN B 108 -15.15 -27.37 0.72
C ASN B 108 -14.30 -26.38 -0.09
N TYR B 109 -14.91 -25.30 -0.62
CA TYR B 109 -14.17 -24.33 -1.45
C TYR B 109 -14.55 -22.87 -1.23
N ILE B 110 -13.60 -21.96 -1.53
CA ILE B 110 -13.80 -20.51 -1.52
C ILE B 110 -13.09 -19.99 -2.76
N ILE B 111 -13.76 -19.18 -3.58
CA ILE B 111 -13.07 -18.52 -4.65
C ILE B 111 -13.11 -17.05 -4.28
N GLY B 112 -11.92 -16.45 -4.19
CA GLY B 112 -11.82 -15.05 -3.85
C GLY B 112 -11.30 -14.15 -4.97
N TYR B 113 -11.54 -12.84 -4.89
CA TYR B 113 -11.09 -11.94 -5.93
C TYR B 113 -10.73 -10.59 -5.32
N SER B 114 -9.70 -9.96 -5.87
CA SER B 114 -9.37 -8.62 -5.40
C SER B 114 -8.99 -7.78 -6.62
N CYS B 115 -9.28 -6.48 -6.60
CA CYS B 115 -8.86 -5.64 -7.70
C CYS B 115 -8.32 -4.33 -7.14
N ARG B 116 -7.25 -3.78 -7.73
CA ARG B 116 -6.75 -2.48 -7.29
C ARG B 116 -6.36 -1.66 -8.53
N TYR B 117 -6.61 -0.37 -8.50
CA TYR B 117 -6.27 0.48 -9.63
C TYR B 117 -4.77 0.72 -9.78
N ASP B 118 -4.28 0.74 -11.01
CA ASP B 118 -2.93 1.23 -11.27
C ASP B 118 -2.92 2.74 -10.99
N GLU B 119 -1.79 3.30 -10.55
CA GLU B 119 -1.77 4.73 -10.26
C GLU B 119 -1.29 5.59 -11.43
N ASP B 120 -0.56 4.98 -12.37
CA ASP B 120 0.02 5.68 -13.50
C ASP B 120 -0.72 5.45 -14.83
N LYS B 121 -1.35 4.29 -15.00
CA LYS B 121 -2.03 4.02 -16.25
C LYS B 121 -3.52 4.02 -15.95
N LYS B 122 -4.36 4.06 -16.98
CA LYS B 122 -5.78 3.85 -16.72
C LYS B 122 -5.97 2.33 -16.74
N GLY B 123 -5.55 1.62 -15.69
CA GLY B 123 -5.70 0.17 -15.67
C GLY B 123 -5.80 -0.39 -14.26
N HIS B 124 -5.87 -1.72 -14.15
CA HIS B 124 -6.00 -2.33 -12.82
C HIS B 124 -5.26 -3.66 -12.72
N TRP B 125 -4.92 -4.00 -11.48
CA TRP B 125 -4.34 -5.30 -11.13
C TRP B 125 -5.42 -6.17 -10.43
N ASP B 126 -5.69 -7.37 -10.89
CA ASP B 126 -6.79 -8.26 -10.51
C ASP B 126 -6.11 -9.49 -9.92
N HIS B 127 -6.78 -10.26 -9.07
CA HIS B 127 -6.20 -11.49 -8.61
C HIS B 127 -7.35 -12.42 -8.25
N VAL B 128 -7.25 -13.69 -8.62
CA VAL B 128 -8.28 -14.68 -8.31
C VAL B 128 -7.54 -15.78 -7.55
N TRP B 129 -8.16 -16.36 -6.53
CA TRP B 129 -7.59 -17.52 -5.84
C TRP B 129 -8.72 -18.50 -5.48
N VAL B 130 -8.35 -19.77 -5.43
CA VAL B 130 -9.32 -20.83 -5.16
C VAL B 130 -8.69 -21.61 -4.04
N LEU B 131 -9.39 -21.67 -2.92
CA LEU B 131 -8.99 -22.36 -1.71
C LEU B 131 -9.91 -23.55 -1.56
N SER B 132 -9.35 -24.63 -1.02
CA SER B 132 -10.07 -25.89 -0.90
C SER B 132 -9.68 -26.62 0.38
N ARG B 133 -10.63 -27.26 1.09
CA ARG B 133 -10.24 -28.02 2.28
C ARG B 133 -9.40 -29.25 1.92
N SER B 134 -9.50 -29.76 0.71
CA SER B 134 -8.57 -30.80 0.35
C SER B 134 -7.67 -30.35 -0.80
N MET B 135 -6.52 -31.03 -0.82
CA MET B 135 -5.45 -30.77 -1.78
C MET B 135 -5.90 -30.94 -3.21
N VAL B 136 -6.96 -31.71 -3.45
CA VAL B 136 -7.48 -32.01 -4.79
C VAL B 136 -8.99 -31.82 -4.74
N LEU B 137 -9.57 -31.01 -5.62
CA LEU B 137 -11.01 -30.85 -5.66
C LEU B 137 -11.65 -32.04 -6.34
N THR B 138 -12.68 -32.62 -5.75
CA THR B 138 -13.36 -33.70 -6.43
C THR B 138 -14.86 -33.56 -6.29
N GLY B 139 -15.54 -34.32 -7.15
CA GLY B 139 -16.98 -34.46 -6.99
C GLY B 139 -17.67 -33.12 -7.08
N GLU B 140 -18.64 -32.95 -6.19
CA GLU B 140 -19.56 -31.82 -6.12
C GLU B 140 -18.89 -30.46 -6.14
N ALA B 141 -17.91 -30.38 -5.26
CA ALA B 141 -17.10 -29.20 -5.07
C ALA B 141 -16.41 -28.97 -6.42
N LYS B 142 -15.80 -29.99 -7.01
CA LYS B 142 -15.11 -29.71 -8.26
C LYS B 142 -16.03 -29.18 -9.36
N THR B 143 -17.24 -29.72 -9.47
CA THR B 143 -18.10 -29.28 -10.55
C THR B 143 -18.56 -27.84 -10.31
N ALA B 144 -18.88 -27.50 -9.07
CA ALA B 144 -19.25 -26.12 -8.77
C ALA B 144 -18.12 -25.13 -9.09
N VAL B 145 -16.90 -25.41 -8.66
CA VAL B 145 -15.75 -24.54 -8.99
C VAL B 145 -15.55 -24.41 -10.47
N GLU B 146 -15.56 -25.53 -11.20
CA GLU B 146 -15.36 -25.47 -12.64
C GLU B 146 -16.45 -24.68 -13.36
N ASN B 147 -17.71 -24.93 -13.01
CA ASN B 147 -18.84 -24.23 -13.58
C ASN B 147 -18.71 -22.73 -13.27
N TYR B 148 -18.24 -22.42 -12.05
CA TYR B 148 -18.13 -21.01 -11.70
C TYR B 148 -17.11 -20.39 -12.63
N LEU B 149 -15.95 -21.00 -12.74
CA LEU B 149 -14.79 -20.36 -13.35
C LEU B 149 -14.97 -20.15 -14.83
N ILE B 150 -15.78 -21.07 -15.37
CA ILE B 150 -16.09 -21.11 -16.80
C ILE B 150 -17.10 -19.99 -17.12
N GLY B 151 -18.16 -19.92 -16.34
CA GLY B 151 -19.20 -18.95 -16.62
C GLY B 151 -18.99 -17.53 -16.12
N SER B 152 -17.97 -17.26 -15.29
CA SER B 152 -17.88 -15.93 -14.70
C SER B 152 -17.29 -14.93 -15.69
N PRO B 153 -17.89 -13.75 -15.92
CA PRO B 153 -17.26 -12.79 -16.84
C PRO B 153 -16.03 -12.10 -16.23
N VAL B 154 -15.86 -12.08 -14.91
CA VAL B 154 -14.71 -11.44 -14.27
C VAL B 154 -13.46 -12.32 -14.40
N VAL B 155 -13.59 -13.64 -14.34
CA VAL B 155 -12.40 -14.48 -14.30
C VAL B 155 -11.94 -14.96 -15.67
N ASP B 156 -10.67 -14.78 -15.94
CA ASP B 156 -10.20 -15.36 -17.16
C ASP B 156 -9.60 -16.73 -16.83
N SER B 157 -10.36 -17.82 -16.95
CA SER B 157 -9.82 -19.11 -16.56
C SER B 157 -8.58 -19.59 -17.34
N GLN B 158 -8.25 -18.92 -18.44
CA GLN B 158 -7.06 -19.32 -19.19
C GLN B 158 -5.78 -18.92 -18.46
N LYS B 159 -5.86 -17.95 -17.54
CA LYS B 159 -4.66 -17.48 -16.85
C LYS B 159 -4.41 -18.18 -15.52
N LEU B 160 -5.23 -19.13 -15.12
CA LEU B 160 -5.04 -19.73 -13.80
C LEU B 160 -3.82 -20.67 -13.81
N VAL B 161 -3.11 -20.78 -12.71
CA VAL B 161 -2.05 -21.74 -12.54
C VAL B 161 -2.65 -22.69 -11.54
N TYR B 162 -2.62 -23.99 -11.81
CA TYR B 162 -3.14 -24.97 -10.86
C TYR B 162 -1.97 -25.56 -10.10
N SER B 163 -2.16 -25.80 -8.82
CA SER B 163 -1.08 -26.33 -8.00
C SER B 163 -1.31 -27.83 -7.89
N ASP B 164 -0.21 -28.57 -7.94
CA ASP B 164 -0.32 -30.03 -7.81
C ASP B 164 0.49 -30.48 -6.59
N PHE B 165 1.12 -29.53 -5.92
CA PHE B 165 1.75 -29.89 -4.66
C PHE B 165 2.72 -31.04 -4.91
N SER B 166 3.47 -30.99 -6.03
CA SER B 166 4.49 -31.99 -6.32
C SER B 166 5.75 -31.85 -5.43
N GLU B 167 6.57 -32.89 -5.40
CA GLU B 167 7.85 -32.85 -4.71
C GLU B 167 8.72 -31.68 -5.15
N ALA B 168 8.75 -31.39 -6.45
CA ALA B 168 9.54 -30.25 -6.89
C ALA B 168 8.90 -28.94 -6.44
N ALA B 169 7.56 -28.90 -6.39
CA ALA B 169 6.96 -27.59 -6.09
C ALA B 169 7.09 -27.27 -4.60
N CYS B 170 6.98 -28.33 -3.81
CA CYS B 170 6.98 -28.20 -2.34
C CYS B 170 8.36 -28.29 -1.64
N LYS B 171 9.43 -28.64 -2.37
CA LYS B 171 10.75 -28.82 -1.79
C LYS B 171 11.37 -27.53 -1.25
N VAL B 172 11.76 -27.59 0.02
CA VAL B 172 12.46 -26.44 0.56
C VAL B 172 13.86 -26.79 1.06
N ASN B 173 14.76 -25.86 0.81
CA ASN B 173 16.11 -25.91 1.34
C ASN B 173 16.57 -24.48 1.51
#